data_3L1L
#
_entry.id   3L1L
#
_cell.length_a   84.69
_cell.length_b   127.17
_cell.length_c   157.5
_cell.angle_alpha   90.00
_cell.angle_beta   90.00
_cell.angle_gamma   90.00
#
_symmetry.space_group_name_H-M   'I 21 21 21'
#
loop_
_entity.id
_entity.type
_entity.pdbx_description
1 polymer 'Arginine/agmatine antiporter'
2 non-polymer ARGININE
3 non-polymer 'nonyl beta-D-glucopyranoside'
#
_entity_poly.entity_id   1
_entity_poly.type   'polypeptide(L)'
_entity_poly.pdbx_seq_one_letter_code
;MSSDADAHKVGLIPVTLMVSGAIMGSGVFLLPANLASTGGIAIYGWLVTIIGALGLSMVYAKMSFLDPSPGGSYAYARRC
FGPFLGYQTNVLYWLACWIGNIAMVVIGVGYLSYFFPILKDPWVLTITCVVVLWIFVLLNIVGPKMITRVQAVATVLALI
PIVGIAVFGWFWFRGETYMAAWNVSGLGTFGAIQSTLNVTLWSFIGVESASVAAGVVKNPKRNVPIATIGGVLIAAVCYV
LSTTAIMGMIPNAALRVSASPFGDAARMALGDTAGAIVSFCAAAGCLGSLGGWTLLAGQTAKAAADDGLFPPIFARVNKA
GTPVAGLIIVGILMTIFQLSSISPNATKEFGLVSSVSVIFTLVPYLYTCAALLLLGHGHFGKARPAYLAVTTIAFLYCIW
AVVGSGAKEVMWSFVTLMVITAMYALNYNRLHKNPYPLDAPISKD
;
_entity_poly.pdbx_strand_id   A
#
# COMPACT_ATOMS: atom_id res chain seq x y z
N ALA A 7 -22.16 -13.04 -3.51
CA ALA A 7 -21.90 -13.28 -4.93
C ALA A 7 -21.70 -11.99 -5.75
N HIS A 8 -21.72 -10.84 -5.09
CA HIS A 8 -21.68 -9.57 -5.81
C HIS A 8 -20.60 -8.61 -5.28
N LYS A 9 -20.73 -7.33 -5.62
CA LYS A 9 -19.65 -6.36 -5.44
C LYS A 9 -19.82 -5.45 -4.22
N VAL A 10 -19.00 -4.42 -4.14
CA VAL A 10 -18.91 -3.60 -2.92
C VAL A 10 -19.31 -2.14 -3.19
N GLY A 11 -19.75 -1.45 -2.15
CA GLY A 11 -20.30 -0.13 -2.31
C GLY A 11 -19.33 0.99 -1.98
N LEU A 12 -19.54 2.15 -2.60
CA LEU A 12 -18.65 3.30 -2.44
C LEU A 12 -18.05 3.40 -1.04
N ILE A 13 -18.84 3.83 -0.07
CA ILE A 13 -18.29 4.08 1.27
C ILE A 13 -17.27 3.04 1.72
N PRO A 14 -17.65 1.75 1.69
CA PRO A 14 -16.71 0.67 2.05
C PRO A 14 -15.44 0.66 1.18
N VAL A 15 -15.59 0.80 -0.14
CA VAL A 15 -14.44 0.87 -1.04
C VAL A 15 -13.50 2.03 -0.71
N THR A 16 -14.08 3.21 -0.50
CA THR A 16 -13.30 4.41 -0.24
C THR A 16 -12.61 4.31 1.13
N LEU A 17 -13.25 3.61 2.07
CA LEU A 17 -12.57 3.34 3.33
C LEU A 17 -11.43 2.33 3.16
N MET A 18 -11.60 1.43 2.21
CA MET A 18 -10.54 0.48 1.88
C MET A 18 -9.31 1.19 1.33
N VAL A 19 -9.52 2.14 0.44
CA VAL A 19 -8.41 2.92 -0.07
C VAL A 19 -7.77 3.71 1.05
N SER A 20 -8.57 4.35 1.88
CA SER A 20 -8.03 5.08 3.00
C SER A 20 -7.17 4.15 3.84
N GLY A 21 -7.63 2.92 3.99
CA GLY A 21 -6.93 1.93 4.81
C GLY A 21 -5.76 1.23 4.15
N ALA A 22 -5.78 1.12 2.83
CA ALA A 22 -4.64 0.63 2.11
C ALA A 22 -3.49 1.57 2.44
N ILE A 23 -3.76 2.87 2.35
CA ILE A 23 -2.74 3.89 2.63
C ILE A 23 -2.35 4.02 4.11
N MET A 24 -3.28 3.77 5.04
CA MET A 24 -2.89 3.67 6.44
C MET A 24 -2.97 2.23 6.99
N GLY A 25 -2.74 2.09 8.29
CA GLY A 25 -2.72 0.78 8.90
C GLY A 25 -1.46 0.75 9.73
N SER A 26 -0.35 0.82 9.01
CA SER A 26 0.98 0.86 9.62
C SER A 26 1.47 2.31 9.66
N GLY A 27 1.39 2.95 8.49
CA GLY A 27 1.89 4.30 8.32
C GLY A 27 1.41 5.35 9.30
N VAL A 28 0.12 5.40 9.59
CA VAL A 28 -0.41 6.44 10.50
C VAL A 28 0.34 6.53 11.81
N PHE A 29 0.80 5.40 12.34
CA PHE A 29 1.41 5.41 13.66
C PHE A 29 2.92 5.42 13.56
N LEU A 30 3.41 4.94 12.43
CA LEU A 30 4.84 4.88 12.18
C LEU A 30 5.38 6.23 11.74
N LEU A 31 4.68 6.83 10.79
CA LEU A 31 5.13 8.04 10.11
C LEU A 31 5.26 9.26 11.01
N PRO A 32 4.17 9.65 11.69
CA PRO A 32 4.13 10.89 12.48
C PRO A 32 5.16 10.86 13.62
N ALA A 33 5.17 9.79 14.40
CA ALA A 33 6.23 9.54 15.37
C ALA A 33 7.57 9.80 14.72
N ASN A 34 8.07 8.79 14.00
CA ASN A 34 9.29 8.88 13.21
C ASN A 34 9.62 10.30 12.69
N LEU A 35 8.69 10.86 11.93
CA LEU A 35 8.84 12.17 11.29
C LEU A 35 9.11 13.32 12.25
N ALA A 36 8.29 13.43 13.30
CA ALA A 36 8.49 14.42 14.34
C ALA A 36 9.85 14.21 14.98
N SER A 37 10.11 12.97 15.39
CA SER A 37 11.36 12.59 16.01
C SER A 37 12.59 13.19 15.31
N THR A 38 12.77 12.87 14.04
CA THR A 38 13.96 13.34 13.31
C THR A 38 13.85 14.78 12.77
N GLY A 39 12.71 15.10 12.18
CA GLY A 39 12.38 16.45 11.76
C GLY A 39 13.38 17.17 10.87
N GLY A 40 12.95 18.30 10.31
CA GLY A 40 13.82 19.14 9.53
C GLY A 40 13.85 18.77 8.06
N ILE A 41 14.98 18.23 7.62
CA ILE A 41 15.14 17.85 6.22
C ILE A 41 14.09 16.81 5.89
N ALA A 42 13.78 15.98 6.89
CA ALA A 42 12.84 14.88 6.74
C ALA A 42 11.44 15.35 6.35
N ILE A 43 11.01 16.48 6.91
CA ILE A 43 9.69 17.03 6.61
C ILE A 43 9.56 17.41 5.15
N TYR A 44 10.60 17.96 4.56
CA TYR A 44 10.57 18.31 3.14
C TYR A 44 10.32 17.07 2.32
N GLY A 45 11.07 16.01 2.64
CA GLY A 45 10.93 14.73 1.97
C GLY A 45 9.48 14.32 2.04
N TRP A 46 8.93 14.38 3.25
CA TRP A 46 7.53 14.08 3.50
C TRP A 46 6.59 14.89 2.63
N LEU A 47 6.84 16.20 2.58
CA LEU A 47 6.08 17.14 1.75
C LEU A 47 6.10 16.74 0.29
N VAL A 48 7.30 16.47 -0.20
CA VAL A 48 7.50 16.07 -1.58
C VAL A 48 6.64 14.85 -1.88
N THR A 49 6.75 13.82 -1.04
CA THR A 49 6.05 12.58 -1.34
C THR A 49 4.53 12.71 -1.20
N ILE A 50 4.08 13.58 -0.28
CA ILE A 50 2.65 13.90 -0.19
C ILE A 50 2.16 14.47 -1.53
N ILE A 51 2.84 15.50 -2.02
CA ILE A 51 2.48 16.11 -3.28
C ILE A 51 2.45 15.09 -4.41
N GLY A 52 3.49 14.26 -4.46
CA GLY A 52 3.61 13.21 -5.47
C GLY A 52 2.48 12.19 -5.43
N ALA A 53 2.16 11.74 -4.23
CA ALA A 53 1.03 10.84 -4.02
C ALA A 53 -0.31 11.46 -4.42
N LEU A 54 -0.52 12.74 -4.09
CA LEU A 54 -1.74 13.43 -4.52
C LEU A 54 -1.84 13.46 -6.04
N GLY A 55 -0.73 13.73 -6.72
CA GLY A 55 -0.73 13.75 -8.17
C GLY A 55 -0.99 12.37 -8.75
N LEU A 56 -0.35 11.38 -8.17
CA LEU A 56 -0.43 10.01 -8.65
C LEU A 56 -1.87 9.55 -8.52
N SER A 57 -2.51 9.98 -7.44
CA SER A 57 -3.91 9.69 -7.18
C SER A 57 -4.85 10.30 -8.21
N MET A 58 -4.61 11.56 -8.59
CA MET A 58 -5.37 12.14 -9.69
C MET A 58 -5.19 11.31 -10.97
N VAL A 59 -3.96 10.90 -11.25
CA VAL A 59 -3.65 10.00 -12.37
C VAL A 59 -4.45 8.70 -12.35
N TYR A 60 -4.48 8.04 -11.20
CA TYR A 60 -5.22 6.79 -11.08
C TYR A 60 -6.71 7.00 -11.20
N ALA A 61 -7.19 8.03 -10.50
CA ALA A 61 -8.59 8.45 -10.56
C ALA A 61 -9.02 8.62 -12.01
N LYS A 62 -8.28 9.44 -12.75
CA LYS A 62 -8.61 9.69 -14.14
C LYS A 62 -8.52 8.43 -14.98
N MET A 63 -7.52 7.59 -14.71
CA MET A 63 -7.27 6.43 -15.54
C MET A 63 -8.31 5.33 -15.32
N SER A 64 -8.66 5.08 -14.07
CA SER A 64 -9.72 4.12 -13.78
C SER A 64 -11.05 4.64 -14.31
N PHE A 65 -11.20 5.95 -14.33
CA PHE A 65 -12.35 6.56 -14.96
C PHE A 65 -12.40 6.15 -16.44
N LEU A 66 -11.40 6.58 -17.21
CA LEU A 66 -11.28 6.19 -18.61
C LEU A 66 -11.55 4.70 -18.78
N ASP A 67 -10.84 3.89 -18.03
CA ASP A 67 -10.96 2.44 -18.12
C ASP A 67 -11.16 1.81 -16.75
N PRO A 68 -12.42 1.46 -16.41
CA PRO A 68 -12.74 0.86 -15.11
C PRO A 68 -12.38 -0.63 -15.05
N SER A 69 -11.25 -1.00 -15.62
CA SER A 69 -10.83 -2.40 -15.69
C SER A 69 -10.15 -2.92 -14.42
N PRO A 70 -10.28 -4.23 -14.16
CA PRO A 70 -9.52 -4.91 -13.12
C PRO A 70 -8.22 -5.47 -13.72
N GLY A 71 -7.15 -5.51 -12.94
CA GLY A 71 -7.10 -4.84 -11.67
C GLY A 71 -6.04 -3.77 -11.83
N GLY A 72 -6.49 -2.54 -11.96
CA GLY A 72 -5.62 -1.38 -12.02
C GLY A 72 -4.54 -1.41 -13.09
N SER A 73 -3.36 -0.93 -12.68
CA SER A 73 -2.22 -0.71 -13.54
C SER A 73 -1.87 -1.87 -14.44
N TYR A 74 -2.13 -3.09 -13.99
CA TYR A 74 -1.92 -4.25 -14.85
C TYR A 74 -2.63 -4.06 -16.20
N ALA A 75 -3.93 -3.74 -16.12
CA ALA A 75 -4.80 -3.62 -17.28
C ALA A 75 -4.36 -2.49 -18.19
N TYR A 76 -4.09 -1.34 -17.55
CA TYR A 76 -3.64 -0.14 -18.25
C TYR A 76 -2.33 -0.38 -18.99
N ALA A 77 -1.38 -1.04 -18.33
CA ALA A 77 -0.11 -1.36 -18.96
C ALA A 77 -0.28 -2.35 -20.11
N ARG A 78 -1.21 -3.29 -19.98
CA ARG A 78 -1.47 -4.21 -21.06
C ARG A 78 -2.04 -3.54 -22.31
N ARG A 79 -2.97 -2.60 -22.12
CA ARG A 79 -3.54 -1.87 -23.25
C ARG A 79 -2.45 -1.01 -23.89
N CYS A 80 -1.86 -0.17 -23.06
CA CYS A 80 -0.80 0.76 -23.41
C CYS A 80 0.38 0.15 -24.19
N PHE A 81 1.08 -0.79 -23.55
CA PHE A 81 2.15 -1.53 -24.19
C PHE A 81 1.68 -2.94 -24.46
N GLY A 82 2.58 -3.91 -24.42
CA GLY A 82 2.16 -5.27 -24.71
C GLY A 82 1.56 -6.12 -23.60
N PRO A 83 1.21 -7.36 -23.96
CA PRO A 83 1.04 -8.43 -22.99
C PRO A 83 2.28 -8.53 -22.10
N PHE A 84 3.47 -8.26 -22.63
CA PHE A 84 4.68 -8.40 -21.83
C PHE A 84 4.76 -7.39 -20.71
N LEU A 85 4.44 -6.13 -20.99
CA LEU A 85 4.37 -5.12 -19.94
C LEU A 85 3.23 -5.41 -19.01
N GLY A 86 2.15 -5.98 -19.53
CA GLY A 86 1.07 -6.39 -18.66
C GLY A 86 1.56 -7.46 -17.70
N TYR A 87 2.14 -8.49 -18.27
CA TYR A 87 2.71 -9.61 -17.54
C TYR A 87 3.59 -9.12 -16.40
N GLN A 88 4.56 -8.29 -16.77
CA GLN A 88 5.54 -7.76 -15.84
C GLN A 88 4.92 -6.88 -14.74
N THR A 89 3.99 -6.00 -15.11
CA THR A 89 3.38 -5.10 -14.14
C THR A 89 2.71 -5.90 -13.06
N ASN A 90 1.93 -6.89 -13.48
CA ASN A 90 1.28 -7.78 -12.51
C ASN A 90 2.28 -8.58 -11.66
N VAL A 91 3.29 -9.21 -12.26
CA VAL A 91 4.20 -9.99 -11.45
C VAL A 91 4.78 -9.10 -10.35
N LEU A 92 5.15 -7.88 -10.72
CA LEU A 92 5.69 -6.93 -9.76
C LEU A 92 4.70 -6.55 -8.67
N TYR A 93 3.52 -6.10 -9.08
CA TYR A 93 2.52 -5.62 -8.13
C TYR A 93 2.01 -6.73 -7.22
N TRP A 94 1.84 -7.91 -7.82
CA TRP A 94 1.36 -9.08 -7.11
C TRP A 94 2.37 -9.43 -6.02
N LEU A 95 3.65 -9.51 -6.40
CA LEU A 95 4.71 -9.78 -5.45
C LEU A 95 4.68 -8.76 -4.30
N ALA A 96 4.56 -7.49 -4.67
CA ALA A 96 4.59 -6.41 -3.69
C ALA A 96 3.48 -6.54 -2.65
N CYS A 97 2.25 -6.80 -3.09
CA CYS A 97 1.09 -6.94 -2.19
C CYS A 97 1.31 -7.97 -1.09
N TRP A 98 1.61 -9.20 -1.46
CA TRP A 98 1.80 -10.21 -0.43
C TRP A 98 3.12 -10.12 0.32
N ILE A 99 4.20 -9.71 -0.32
CA ILE A 99 5.46 -9.59 0.41
C ILE A 99 5.34 -8.52 1.52
N GLY A 100 4.69 -7.41 1.20
CA GLY A 100 4.44 -6.36 2.17
C GLY A 100 3.67 -6.86 3.37
N ASN A 101 2.83 -7.89 3.17
CA ASN A 101 2.06 -8.43 4.27
C ASN A 101 2.92 -9.03 5.36
N ILE A 102 4.10 -9.49 4.97
CA ILE A 102 5.01 -10.13 5.90
C ILE A 102 5.46 -9.12 6.95
N ALA A 103 5.56 -7.87 6.55
CA ALA A 103 5.95 -6.80 7.46
C ALA A 103 4.79 -6.45 8.40
N MET A 104 3.61 -6.20 7.80
CA MET A 104 2.41 -5.82 8.51
C MET A 104 1.94 -6.81 9.59
N VAL A 105 1.96 -8.11 9.31
CA VAL A 105 1.60 -9.04 10.38
C VAL A 105 2.50 -8.89 11.59
N VAL A 106 3.82 -8.90 11.36
CA VAL A 106 4.75 -8.79 12.47
C VAL A 106 4.49 -7.50 13.28
N ILE A 107 4.27 -6.40 12.56
CA ILE A 107 3.97 -5.12 13.20
C ILE A 107 2.64 -5.13 13.99
N GLY A 108 1.54 -5.34 13.28
CA GLY A 108 0.20 -5.28 13.85
C GLY A 108 -0.04 -6.25 14.99
N VAL A 109 0.70 -7.35 15.00
CA VAL A 109 0.62 -8.32 16.09
C VAL A 109 1.53 -7.87 17.21
N GLY A 110 2.62 -7.18 16.86
CA GLY A 110 3.48 -6.57 17.86
C GLY A 110 2.66 -5.66 18.74
N TYR A 111 1.81 -4.82 18.13
CA TYR A 111 0.98 -3.89 18.89
C TYR A 111 0.19 -4.56 20.01
N LEU A 112 -0.33 -5.76 19.73
CA LEU A 112 -1.10 -6.49 20.73
C LEU A 112 -0.21 -7.14 21.79
N SER A 113 1.10 -6.97 21.70
CA SER A 113 1.99 -7.54 22.71
C SER A 113 1.83 -6.75 24.00
N TYR A 114 1.31 -5.54 23.85
CA TYR A 114 0.94 -4.66 24.95
C TYR A 114 -0.01 -5.41 25.87
N PHE A 115 -1.06 -5.97 25.28
CA PHE A 115 -2.03 -6.75 26.01
C PHE A 115 -1.55 -8.18 26.34
N PHE A 116 -0.93 -8.86 25.39
CA PHE A 116 -0.50 -10.24 25.60
C PHE A 116 1.00 -10.35 25.56
N PRO A 117 1.65 -10.08 26.69
CA PRO A 117 3.10 -10.08 26.87
C PRO A 117 3.77 -11.24 26.15
N ILE A 118 3.18 -12.44 26.21
CA ILE A 118 3.70 -13.62 25.53
C ILE A 118 4.01 -13.38 24.02
N LEU A 119 3.25 -12.47 23.40
CA LEU A 119 3.47 -12.13 22.00
C LEU A 119 4.85 -11.52 21.74
N LYS A 120 5.80 -11.74 22.63
CA LYS A 120 7.11 -11.14 22.44
C LYS A 120 8.20 -12.19 22.51
N ASP A 121 7.79 -13.42 22.84
CA ASP A 121 8.61 -14.60 22.61
C ASP A 121 8.59 -14.77 21.10
N PRO A 122 9.76 -14.96 20.48
CA PRO A 122 9.77 -14.97 19.02
C PRO A 122 8.89 -16.08 18.49
N TRP A 123 8.89 -17.23 19.18
CA TRP A 123 8.11 -18.38 18.75
C TRP A 123 6.63 -18.07 18.70
N VAL A 124 6.09 -17.63 19.82
CA VAL A 124 4.69 -17.30 19.86
C VAL A 124 4.38 -16.23 18.82
N LEU A 125 5.26 -15.26 18.68
CA LEU A 125 5.07 -14.19 17.70
C LEU A 125 4.93 -14.78 16.31
N THR A 126 5.90 -15.60 15.91
CA THR A 126 5.88 -16.25 14.59
C THR A 126 4.62 -17.10 14.37
N ILE A 127 4.33 -17.98 15.30
CA ILE A 127 3.17 -18.84 15.22
C ILE A 127 1.90 -17.98 15.04
N THR A 128 1.71 -17.05 15.97
CA THR A 128 0.54 -16.19 15.96
C THR A 128 0.43 -15.47 14.62
N CYS A 129 1.59 -15.14 14.04
CA CYS A 129 1.66 -14.46 12.75
C CYS A 129 1.08 -15.30 11.62
N VAL A 130 1.53 -16.54 11.52
CA VAL A 130 1.05 -17.40 10.43
C VAL A 130 -0.46 -17.60 10.58
N VAL A 131 -0.90 -17.86 11.81
CA VAL A 131 -2.32 -18.03 12.08
C VAL A 131 -3.16 -16.84 11.60
N VAL A 132 -2.72 -15.62 11.90
CA VAL A 132 -3.45 -14.42 11.50
C VAL A 132 -3.47 -14.23 9.97
N LEU A 133 -2.34 -14.54 9.32
CA LEU A 133 -2.26 -14.54 7.87
C LEU A 133 -3.37 -15.39 7.28
N TRP A 134 -3.49 -16.62 7.76
CA TRP A 134 -4.51 -17.53 7.27
C TRP A 134 -5.94 -17.14 7.59
N ILE A 135 -6.15 -16.58 8.78
CA ILE A 135 -7.45 -16.02 9.13
C ILE A 135 -7.88 -14.98 8.10
N PHE A 136 -6.96 -14.12 7.67
CA PHE A 136 -7.34 -13.15 6.65
C PHE A 136 -7.49 -13.75 5.25
N VAL A 137 -6.79 -14.86 5.00
CA VAL A 137 -7.00 -15.60 3.77
C VAL A 137 -8.41 -16.15 3.77
N LEU A 138 -8.79 -16.81 4.85
CA LEU A 138 -10.16 -17.30 5.04
C LEU A 138 -11.19 -16.19 4.82
N LEU A 139 -11.00 -15.07 5.51
CA LEU A 139 -11.91 -13.95 5.39
C LEU A 139 -12.06 -13.54 3.92
N ASN A 140 -10.96 -13.39 3.21
CA ASN A 140 -11.04 -13.13 1.78
C ASN A 140 -11.82 -14.18 0.99
N ILE A 141 -11.74 -15.43 1.44
CA ILE A 141 -12.42 -16.56 0.80
C ILE A 141 -13.93 -16.46 1.06
N VAL A 142 -14.26 -15.99 2.25
CA VAL A 142 -15.63 -15.60 2.55
C VAL A 142 -16.07 -14.53 1.55
N GLY A 143 -15.20 -13.55 1.29
CA GLY A 143 -15.44 -12.62 0.20
C GLY A 143 -14.97 -11.19 0.38
N PRO A 144 -15.04 -10.42 -0.71
CA PRO A 144 -14.69 -8.99 -0.79
C PRO A 144 -15.53 -8.16 0.17
N LYS A 145 -16.83 -8.45 0.24
CA LYS A 145 -17.74 -7.78 1.16
C LYS A 145 -17.30 -7.95 2.62
N MET A 146 -16.95 -9.19 2.99
CA MET A 146 -16.46 -9.53 4.33
C MET A 146 -15.13 -8.88 4.63
N ILE A 147 -14.21 -8.93 3.68
CA ILE A 147 -12.88 -8.37 3.88
C ILE A 147 -12.96 -6.83 3.99
N THR A 148 -13.81 -6.24 3.16
CA THR A 148 -13.99 -4.80 3.10
C THR A 148 -14.67 -4.28 4.35
N ARG A 149 -15.73 -4.95 4.80
CA ARG A 149 -16.42 -4.53 6.02
C ARG A 149 -15.44 -4.51 7.19
N VAL A 150 -14.61 -5.55 7.29
CA VAL A 150 -13.59 -5.64 8.34
C VAL A 150 -12.51 -4.55 8.20
N GLN A 151 -12.08 -4.29 6.98
CA GLN A 151 -11.11 -3.23 6.77
C GLN A 151 -11.70 -1.90 7.22
N ALA A 152 -12.98 -1.72 6.91
CA ALA A 152 -13.71 -0.49 7.25
C ALA A 152 -13.73 -0.26 8.76
N VAL A 153 -14.22 -1.24 9.51
CA VAL A 153 -14.27 -1.10 10.96
C VAL A 153 -12.86 -0.88 11.50
N ALA A 154 -11.91 -1.56 10.88
CA ALA A 154 -10.51 -1.49 11.30
C ALA A 154 -9.92 -0.08 11.14
N THR A 155 -10.10 0.53 9.96
CA THR A 155 -9.53 1.86 9.78
C THR A 155 -10.19 2.90 10.69
N VAL A 156 -11.52 2.90 10.75
CA VAL A 156 -12.22 3.88 11.60
C VAL A 156 -11.73 3.75 13.05
N LEU A 157 -11.63 2.52 13.53
CA LEU A 157 -11.03 2.29 14.84
C LEU A 157 -9.66 2.97 14.94
N ALA A 158 -8.87 2.88 13.89
CA ALA A 158 -7.51 3.43 13.89
C ALA A 158 -7.49 4.95 13.84
N LEU A 159 -8.62 5.54 13.45
CA LEU A 159 -8.75 7.00 13.40
C LEU A 159 -9.07 7.58 14.76
N ILE A 160 -9.69 6.80 15.62
CA ILE A 160 -9.96 7.25 16.97
C ILE A 160 -8.68 7.88 17.53
N PRO A 161 -7.57 7.14 17.57
CA PRO A 161 -6.38 7.76 18.18
C PRO A 161 -5.81 8.93 17.37
N ILE A 162 -5.93 8.89 16.05
CA ILE A 162 -5.34 9.93 15.21
C ILE A 162 -6.14 11.21 15.32
N VAL A 163 -7.43 11.08 15.04
CA VAL A 163 -8.42 12.14 15.29
C VAL A 163 -8.34 12.72 16.70
N GLY A 164 -8.17 11.86 17.70
CA GLY A 164 -8.00 12.28 19.08
C GLY A 164 -6.78 13.15 19.34
N ILE A 165 -5.60 12.64 18.99
CA ILE A 165 -4.39 13.42 19.14
C ILE A 165 -4.49 14.75 18.42
N ALA A 166 -5.10 14.75 17.24
CA ALA A 166 -5.30 15.99 16.50
C ALA A 166 -6.16 16.96 17.31
N VAL A 167 -7.39 16.54 17.60
CA VAL A 167 -8.36 17.38 18.31
C VAL A 167 -7.84 17.93 19.65
N PHE A 168 -7.03 17.17 20.37
CA PHE A 168 -6.57 17.62 21.67
C PHE A 168 -5.11 18.06 21.66
N GLY A 169 -4.55 18.20 20.47
CA GLY A 169 -3.18 18.63 20.31
C GLY A 169 -3.20 20.09 19.90
N TRP A 170 -4.40 20.56 19.61
CA TRP A 170 -4.62 21.97 19.31
C TRP A 170 -4.40 22.80 20.57
N PHE A 171 -4.85 22.27 21.70
CA PHE A 171 -4.65 22.94 22.98
C PHE A 171 -3.17 23.06 23.31
N TRP A 172 -2.40 22.03 22.96
CA TRP A 172 -0.96 22.01 23.23
C TRP A 172 -0.13 22.52 22.05
N PHE A 173 -0.80 22.95 20.99
CA PHE A 173 -0.13 23.43 19.80
C PHE A 173 0.58 24.75 20.10
N ARG A 174 1.84 24.86 19.65
CA ARG A 174 2.65 26.06 19.89
C ARG A 174 3.61 26.43 18.76
N GLY A 175 4.88 26.61 19.13
CA GLY A 175 5.94 27.00 18.20
C GLY A 175 6.66 25.78 17.64
N GLU A 176 7.06 25.88 16.38
CA GLU A 176 7.58 24.73 15.64
C GLU A 176 9.05 24.84 15.29
N THR A 177 9.85 23.99 15.94
CA THR A 177 11.24 23.81 15.56
C THR A 177 11.30 22.94 14.28
N TYR A 178 11.78 23.55 13.21
CA TYR A 178 11.66 23.01 11.86
C TYR A 178 13.06 22.76 11.28
N MET A 179 14.07 23.06 12.09
CA MET A 179 15.46 22.80 11.71
C MET A 179 16.08 21.81 12.69
N ALA A 180 16.57 20.69 12.15
CA ALA A 180 17.11 19.61 12.95
C ALA A 180 17.50 18.42 12.08
N ALA A 192 19.44 7.78 9.45
CA ALA A 192 18.39 8.51 10.18
C ALA A 192 17.37 9.15 9.23
N ILE A 193 17.79 10.21 8.53
CA ILE A 193 16.99 10.74 7.43
C ILE A 193 16.74 9.60 6.43
N GLN A 194 17.75 8.75 6.26
CA GLN A 194 17.61 7.55 5.45
C GLN A 194 16.34 6.75 5.80
N SER A 195 16.33 6.13 6.97
CA SER A 195 15.22 5.23 7.34
C SER A 195 13.90 5.96 7.54
N THR A 196 13.94 7.25 7.82
CA THR A 196 12.67 7.97 7.85
C THR A 196 12.14 8.02 6.44
N LEU A 197 13.05 8.12 5.48
CA LEU A 197 12.64 8.21 4.08
C LEU A 197 12.01 6.89 3.66
N ASN A 198 12.54 5.81 4.20
CA ASN A 198 11.94 4.49 4.02
C ASN A 198 10.51 4.51 4.51
N VAL A 199 10.30 4.87 5.77
CA VAL A 199 8.94 4.92 6.31
C VAL A 199 8.02 5.86 5.54
N THR A 200 8.49 7.04 5.18
CA THR A 200 7.60 7.98 4.48
C THR A 200 7.17 7.50 3.09
N LEU A 201 8.07 6.85 2.36
CA LEU A 201 7.71 6.31 1.05
C LEU A 201 6.66 5.21 1.21
N TRP A 202 6.92 4.31 2.16
CA TRP A 202 6.03 3.20 2.49
C TRP A 202 4.63 3.68 2.85
N SER A 203 4.58 4.67 3.73
CA SER A 203 3.34 5.21 4.25
C SER A 203 2.35 5.75 3.21
N PHE A 204 2.76 5.89 1.97
CA PHE A 204 1.82 6.41 0.99
C PHE A 204 1.53 5.46 -0.16
N ILE A 205 1.94 4.21 0.02
CA ILE A 205 1.55 3.17 -0.91
C ILE A 205 0.12 2.80 -0.59
N GLY A 206 -0.69 2.57 -1.61
CA GLY A 206 -2.10 2.24 -1.40
C GLY A 206 -3.01 3.09 -2.28
N VAL A 207 -2.46 4.17 -2.80
CA VAL A 207 -3.13 5.02 -3.77
C VAL A 207 -3.85 4.21 -4.85
N GLU A 208 -3.19 3.17 -5.37
CA GLU A 208 -3.68 2.38 -6.52
C GLU A 208 -4.76 1.34 -6.21
N SER A 209 -5.09 1.18 -4.94
CA SER A 209 -5.86 0.02 -4.49
C SER A 209 -7.23 -0.14 -5.13
N ALA A 210 -8.09 0.87 -5.02
CA ALA A 210 -9.42 0.79 -5.60
C ALA A 210 -9.36 0.44 -7.07
N SER A 211 -8.48 1.13 -7.79
CA SER A 211 -8.27 0.90 -9.22
C SER A 211 -7.94 -0.56 -9.56
N VAL A 212 -7.13 -1.19 -8.70
CA VAL A 212 -6.80 -2.60 -8.85
C VAL A 212 -7.99 -3.47 -8.48
N ALA A 213 -8.70 -3.07 -7.44
CA ALA A 213 -9.85 -3.85 -6.97
C ALA A 213 -11.14 -3.45 -7.70
N ALA A 214 -11.02 -2.87 -8.89
CA ALA A 214 -12.19 -2.42 -9.63
C ALA A 214 -13.15 -3.54 -10.04
N GLY A 215 -12.60 -4.72 -10.39
CA GLY A 215 -13.42 -5.85 -10.78
C GLY A 215 -14.45 -6.30 -9.73
N VAL A 216 -14.33 -5.78 -8.52
CA VAL A 216 -15.05 -6.28 -7.36
C VAL A 216 -15.78 -5.13 -6.67
N VAL A 217 -15.84 -4.00 -7.37
CA VAL A 217 -16.57 -2.83 -6.89
C VAL A 217 -17.75 -2.56 -7.83
N LYS A 218 -18.95 -2.47 -7.27
CA LYS A 218 -20.14 -2.23 -8.10
C LYS A 218 -20.14 -0.80 -8.64
N ASN A 219 -20.39 -0.68 -9.94
CA ASN A 219 -20.25 0.57 -10.68
C ASN A 219 -18.84 1.17 -10.57
N PRO A 220 -17.87 0.54 -11.26
CA PRO A 220 -16.47 0.95 -11.22
C PRO A 220 -16.25 2.38 -11.70
N LYS A 221 -16.80 2.72 -12.86
CA LYS A 221 -16.53 4.01 -13.53
C LYS A 221 -16.86 5.25 -12.70
N ARG A 222 -17.91 5.18 -11.89
CA ARG A 222 -18.22 6.30 -11.02
C ARG A 222 -17.55 6.10 -9.68
N ASN A 223 -17.68 4.90 -9.15
CA ASN A 223 -17.31 4.58 -7.78
C ASN A 223 -15.82 4.61 -7.48
N VAL A 224 -15.03 4.09 -8.42
CA VAL A 224 -13.59 3.96 -8.22
C VAL A 224 -12.85 5.29 -8.23
N PRO A 225 -13.03 6.13 -9.27
CA PRO A 225 -12.36 7.44 -9.21
C PRO A 225 -12.74 8.21 -7.96
N ILE A 226 -14.01 8.13 -7.56
CA ILE A 226 -14.42 8.88 -6.38
C ILE A 226 -13.70 8.30 -5.17
N ALA A 227 -13.66 6.98 -5.14
CA ALA A 227 -13.14 6.22 -4.00
C ALA A 227 -11.68 6.52 -3.73
N THR A 228 -10.89 6.55 -4.81
CA THR A 228 -9.44 6.76 -4.71
C THR A 228 -9.13 8.17 -4.22
N ILE A 229 -9.83 9.17 -4.74
CA ILE A 229 -9.60 10.55 -4.28
C ILE A 229 -10.13 10.76 -2.88
N GLY A 230 -11.33 10.24 -2.61
CA GLY A 230 -11.88 10.25 -1.28
C GLY A 230 -10.88 9.69 -0.28
N GLY A 231 -10.43 8.45 -0.56
CA GLY A 231 -9.49 7.70 0.26
C GLY A 231 -8.15 8.39 0.46
N VAL A 232 -7.56 8.88 -0.63
CA VAL A 232 -6.30 9.57 -0.55
C VAL A 232 -6.46 10.83 0.27
N LEU A 233 -7.60 11.49 0.08
CA LEU A 233 -7.89 12.77 0.71
C LEU A 233 -7.99 12.64 2.22
N ILE A 234 -8.77 11.65 2.66
CA ILE A 234 -8.88 11.30 4.07
C ILE A 234 -7.50 11.00 4.66
N ALA A 235 -6.75 10.14 3.96
CA ALA A 235 -5.43 9.72 4.39
C ALA A 235 -4.43 10.88 4.44
N ALA A 236 -4.39 11.67 3.38
CA ALA A 236 -3.61 12.90 3.34
C ALA A 236 -3.90 13.79 4.56
N VAL A 237 -5.18 14.04 4.80
CA VAL A 237 -5.63 14.85 5.93
C VAL A 237 -5.10 14.33 7.27
N CYS A 238 -5.36 13.06 7.56
CA CYS A 238 -4.91 12.47 8.83
C CYS A 238 -3.40 12.52 8.99
N TYR A 239 -2.66 12.22 7.94
CA TYR A 239 -1.21 12.25 8.06
C TYR A 239 -0.74 13.63 8.45
N VAL A 240 -1.23 14.65 7.75
CA VAL A 240 -0.80 16.04 7.98
C VAL A 240 -1.20 16.52 9.36
N LEU A 241 -2.43 16.22 9.74
CA LEU A 241 -2.93 16.67 11.03
C LEU A 241 -2.19 16.04 12.21
N SER A 242 -2.08 14.72 12.22
CA SER A 242 -1.37 14.05 13.31
C SER A 242 0.08 14.49 13.36
N THR A 243 0.70 14.68 12.20
CA THR A 243 2.11 15.04 12.13
C THR A 243 2.36 16.44 12.69
N THR A 244 1.63 17.44 12.19
CA THR A 244 1.80 18.82 12.65
C THR A 244 1.47 18.90 14.14
N ALA A 245 0.40 18.22 14.54
CA ALA A 245 0.01 18.13 15.93
C ALA A 245 1.17 17.71 16.84
N ILE A 246 1.83 16.60 16.50
CA ILE A 246 2.96 16.10 17.30
C ILE A 246 4.11 17.10 17.33
N MET A 247 4.45 17.65 16.17
CA MET A 247 5.58 18.58 16.06
C MET A 247 5.34 19.79 16.94
N GLY A 248 4.06 20.16 17.06
CA GLY A 248 3.67 21.32 17.82
C GLY A 248 3.59 21.11 19.32
N MET A 249 3.27 19.88 19.74
CA MET A 249 3.00 19.63 21.16
C MET A 249 4.09 18.93 21.96
N ILE A 250 5.01 18.23 21.30
CA ILE A 250 6.20 17.78 22.01
C ILE A 250 7.35 18.73 21.70
N PRO A 251 7.95 19.27 22.75
CA PRO A 251 8.95 20.33 22.62
C PRO A 251 10.19 19.90 21.84
N ASN A 252 10.94 20.88 21.37
CA ASN A 252 12.18 20.63 20.62
C ASN A 252 13.23 19.91 21.46
N ALA A 253 13.35 20.32 22.73
CA ALA A 253 14.25 19.67 23.67
C ALA A 253 13.71 18.29 24.03
N ALA A 254 12.40 18.10 23.81
CA ALA A 254 11.75 16.84 24.10
C ALA A 254 12.04 15.83 23.00
N LEU A 255 12.20 16.33 21.78
CA LEU A 255 12.48 15.49 20.63
C LEU A 255 13.43 14.36 21.00
N ARG A 256 14.46 14.71 21.76
CA ARG A 256 15.48 13.75 22.21
C ARG A 256 14.88 12.50 22.85
N VAL A 257 14.22 12.67 24.00
CA VAL A 257 13.64 11.56 24.77
C VAL A 257 13.43 10.30 23.93
N SER A 258 14.33 9.34 24.08
CA SER A 258 14.24 8.08 23.34
C SER A 258 12.94 7.33 23.64
N ALA A 259 12.57 6.42 22.73
CA ALA A 259 11.35 5.64 22.84
C ALA A 259 10.09 6.48 23.10
N SER A 260 10.26 7.81 23.11
CA SER A 260 9.15 8.70 23.38
C SER A 260 8.32 8.95 22.13
N PRO A 261 8.47 10.16 21.57
CA PRO A 261 7.83 10.52 20.31
C PRO A 261 6.31 10.45 20.34
N PHE A 262 5.76 9.51 19.58
CA PHE A 262 4.31 9.37 19.43
C PHE A 262 3.63 9.11 20.76
N GLY A 263 4.12 8.10 21.50
CA GLY A 263 3.53 7.72 22.77
C GLY A 263 3.36 8.87 23.75
N ASP A 264 4.36 9.76 23.77
CA ASP A 264 4.31 10.96 24.58
C ASP A 264 3.06 11.75 24.28
N ALA A 265 2.89 12.12 23.02
CA ALA A 265 1.72 12.88 22.58
C ALA A 265 0.46 12.09 22.87
N ALA A 266 0.56 10.77 22.75
CA ALA A 266 -0.57 9.89 22.97
C ALA A 266 -1.12 10.06 24.38
N ARG A 267 -0.27 9.86 25.39
CA ARG A 267 -0.69 9.93 26.79
C ARG A 267 -1.09 11.34 27.20
N MET A 268 -0.27 12.33 26.83
CA MET A 268 -0.53 13.71 27.20
C MET A 268 -1.80 14.28 26.58
N ALA A 269 -2.23 13.71 25.45
CA ALA A 269 -3.43 14.21 24.80
C ALA A 269 -4.66 13.32 25.03
N LEU A 270 -4.48 12.19 25.72
CA LEU A 270 -5.56 11.20 25.84
C LEU A 270 -5.72 10.50 27.21
N GLY A 271 -4.76 10.72 28.12
CA GLY A 271 -4.86 10.11 29.44
C GLY A 271 -3.79 9.04 29.62
N ASP A 272 -3.85 8.31 30.72
CA ASP A 272 -2.88 7.25 30.95
C ASP A 272 -3.43 5.87 30.57
N THR A 273 -4.36 5.89 29.63
CA THR A 273 -4.88 4.68 28.99
C THR A 273 -4.60 4.72 27.49
N ALA A 274 -3.90 5.77 27.06
CA ALA A 274 -3.53 5.94 25.67
C ALA A 274 -2.78 4.69 25.20
N GLY A 275 -2.00 4.10 26.10
CA GLY A 275 -1.39 2.81 25.84
C GLY A 275 -2.34 1.81 25.20
N ALA A 276 -3.38 1.45 25.94
CA ALA A 276 -4.35 0.50 25.42
C ALA A 276 -5.04 0.99 24.14
N ILE A 277 -5.62 2.18 24.20
CA ILE A 277 -6.42 2.66 23.06
C ILE A 277 -5.62 2.60 21.77
N VAL A 278 -4.38 3.09 21.87
CA VAL A 278 -3.49 3.23 20.72
C VAL A 278 -2.97 1.88 20.22
N SER A 279 -2.44 1.06 21.12
CA SER A 279 -1.93 -0.24 20.70
C SER A 279 -3.09 -1.18 20.36
N PHE A 280 -4.31 -0.68 20.44
CA PHE A 280 -5.45 -1.46 19.97
C PHE A 280 -5.85 -1.01 18.57
N CYS A 281 -5.95 0.29 18.36
CA CYS A 281 -6.39 0.79 17.06
C CYS A 281 -5.26 0.67 16.03
N ALA A 282 -4.02 0.70 16.52
CA ALA A 282 -2.86 0.39 15.70
C ALA A 282 -2.95 -1.03 15.14
N ALA A 283 -3.05 -1.99 16.04
CA ALA A 283 -3.22 -3.38 15.69
C ALA A 283 -4.39 -3.55 14.72
N ALA A 284 -5.50 -2.90 15.06
CA ALA A 284 -6.71 -2.91 14.25
C ALA A 284 -6.45 -2.50 12.81
N GLY A 285 -5.76 -1.36 12.64
CA GLY A 285 -5.48 -0.83 11.32
C GLY A 285 -4.47 -1.66 10.54
N CYS A 286 -3.54 -2.27 11.26
CA CYS A 286 -2.48 -3.07 10.62
C CYS A 286 -3.00 -4.40 10.08
N LEU A 287 -3.61 -5.19 10.95
CA LEU A 287 -4.30 -6.39 10.50
C LEU A 287 -5.58 -5.90 9.86
N GLY A 288 -6.11 -6.63 8.90
CA GLY A 288 -7.36 -6.19 8.30
C GLY A 288 -7.11 -5.12 7.27
N SER A 289 -5.93 -4.51 7.36
CA SER A 289 -5.36 -3.82 6.23
C SER A 289 -4.73 -4.89 5.36
N LEU A 290 -4.08 -5.88 5.99
CA LEU A 290 -3.53 -6.97 5.21
C LEU A 290 -4.64 -7.85 4.64
N GLY A 291 -5.83 -7.76 5.22
CA GLY A 291 -6.99 -8.37 4.60
C GLY A 291 -7.20 -7.78 3.21
N GLY A 292 -7.00 -6.47 3.11
CA GLY A 292 -7.20 -5.77 1.86
C GLY A 292 -6.10 -6.01 0.87
N TRP A 293 -4.88 -6.16 1.37
CA TRP A 293 -3.75 -6.47 0.51
C TRP A 293 -3.77 -7.90 -0.01
N THR A 294 -4.15 -8.86 0.82
CA THR A 294 -4.40 -10.19 0.30
C THR A 294 -5.40 -10.13 -0.86
N LEU A 295 -6.50 -9.41 -0.64
CA LEU A 295 -7.53 -9.18 -1.68
C LEU A 295 -6.93 -8.69 -2.98
N LEU A 296 -6.16 -7.60 -2.88
CA LEU A 296 -5.56 -6.94 -4.03
C LEU A 296 -4.61 -7.85 -4.80
N ALA A 297 -3.84 -8.65 -4.06
CA ALA A 297 -2.94 -9.61 -4.65
C ALA A 297 -3.76 -10.57 -5.50
N GLY A 298 -4.84 -11.10 -4.94
CA GLY A 298 -5.72 -11.99 -5.65
C GLY A 298 -6.34 -11.35 -6.89
N GLN A 299 -6.63 -10.06 -6.82
CA GLN A 299 -7.23 -9.35 -7.95
C GLN A 299 -6.31 -9.13 -9.15
N THR A 300 -5.05 -8.76 -8.94
CA THR A 300 -4.14 -8.59 -10.07
C THR A 300 -3.95 -9.92 -10.76
N ALA A 301 -3.71 -10.95 -9.95
CA ALA A 301 -3.39 -12.28 -10.44
C ALA A 301 -4.56 -12.81 -11.24
N LYS A 302 -5.77 -12.57 -10.72
CA LYS A 302 -6.97 -13.00 -11.41
C LYS A 302 -7.15 -12.24 -12.73
N ALA A 303 -7.10 -10.90 -12.64
CA ALA A 303 -7.12 -10.04 -13.82
C ALA A 303 -6.18 -10.53 -14.93
N ALA A 304 -5.00 -10.97 -14.54
CA ALA A 304 -3.95 -11.35 -15.49
C ALA A 304 -4.16 -12.76 -16.01
N ALA A 305 -4.51 -13.66 -15.11
CA ALA A 305 -4.73 -15.05 -15.48
C ALA A 305 -5.87 -15.11 -16.49
N ASP A 306 -6.90 -14.29 -16.28
CA ASP A 306 -8.02 -14.18 -17.22
C ASP A 306 -7.59 -13.87 -18.65
N ASP A 307 -6.53 -13.08 -18.80
CA ASP A 307 -6.05 -12.73 -20.12
C ASP A 307 -4.99 -13.72 -20.58
N GLY A 308 -4.67 -14.69 -19.73
CA GLY A 308 -3.71 -15.71 -20.10
C GLY A 308 -2.28 -15.24 -19.91
N LEU A 309 -2.08 -14.37 -18.92
CA LEU A 309 -0.78 -13.76 -18.63
C LEU A 309 -0.28 -14.11 -17.23
N PHE A 310 -0.84 -15.19 -16.68
CA PHE A 310 -0.42 -15.78 -15.42
C PHE A 310 -0.94 -17.21 -15.47
N PRO A 311 -0.53 -18.07 -14.54
CA PRO A 311 -1.12 -19.41 -14.64
C PRO A 311 -2.63 -19.37 -14.38
N PRO A 312 -3.37 -20.30 -14.98
CA PRO A 312 -4.84 -20.23 -14.98
C PRO A 312 -5.44 -20.48 -13.60
N ILE A 313 -4.74 -21.21 -12.73
CA ILE A 313 -5.32 -21.45 -11.41
C ILE A 313 -5.67 -20.14 -10.73
N PHE A 314 -4.99 -19.07 -11.10
CA PHE A 314 -5.23 -17.77 -10.48
C PHE A 314 -6.57 -17.17 -10.92
N ALA A 315 -7.03 -17.62 -12.09
CA ALA A 315 -8.28 -17.12 -12.64
C ALA A 315 -9.47 -17.94 -12.14
N ARG A 316 -9.17 -19.07 -11.52
CA ARG A 316 -10.19 -20.01 -11.03
C ARG A 316 -11.04 -19.49 -9.87
N VAL A 317 -12.27 -19.12 -10.19
CA VAL A 317 -13.16 -18.52 -9.21
C VAL A 317 -14.33 -19.42 -8.81
N ASN A 318 -15.04 -19.01 -7.78
CA ASN A 318 -16.18 -19.76 -7.31
C ASN A 318 -17.48 -19.05 -7.70
N LYS A 319 -18.55 -19.35 -6.97
CA LYS A 319 -19.86 -18.74 -7.17
C LYS A 319 -19.75 -17.22 -7.35
N ALA A 320 -19.32 -16.54 -6.30
CA ALA A 320 -19.21 -15.09 -6.29
C ALA A 320 -18.10 -14.58 -7.22
N GLY A 321 -17.36 -15.50 -7.84
CA GLY A 321 -16.24 -15.13 -8.69
C GLY A 321 -15.02 -14.74 -7.87
N THR A 322 -14.76 -15.49 -6.80
CA THR A 322 -13.63 -15.25 -5.93
C THR A 322 -12.57 -16.30 -6.20
N PRO A 323 -11.34 -15.85 -6.54
CA PRO A 323 -10.21 -16.73 -6.85
C PRO A 323 -9.69 -17.38 -5.57
N VAL A 324 -10.36 -18.44 -5.13
CA VAL A 324 -10.06 -19.05 -3.86
C VAL A 324 -8.68 -19.72 -3.87
N ALA A 325 -8.41 -20.49 -4.92
CA ALA A 325 -7.10 -21.11 -5.07
C ALA A 325 -6.02 -20.03 -5.17
N GLY A 326 -6.31 -18.98 -5.93
CA GLY A 326 -5.45 -17.82 -5.99
C GLY A 326 -5.05 -17.37 -4.60
N LEU A 327 -6.03 -16.89 -3.82
CA LEU A 327 -5.80 -16.44 -2.46
C LEU A 327 -5.15 -17.48 -1.56
N ILE A 328 -5.55 -18.75 -1.66
CA ILE A 328 -4.91 -19.81 -0.87
C ILE A 328 -3.40 -19.87 -1.15
N ILE A 329 -3.03 -19.95 -2.42
CA ILE A 329 -1.63 -19.89 -2.83
C ILE A 329 -0.91 -18.72 -2.14
N VAL A 330 -1.40 -17.51 -2.38
CA VAL A 330 -0.83 -16.33 -1.73
C VAL A 330 -0.64 -16.56 -0.23
N GLY A 331 -1.63 -17.15 0.44
CA GLY A 331 -1.46 -17.57 1.82
C GLY A 331 -0.24 -18.46 2.00
N ILE A 332 -0.08 -19.48 1.15
CA ILE A 332 1.07 -20.40 1.23
C ILE A 332 2.42 -19.70 1.06
N LEU A 333 2.58 -18.96 -0.05
CA LEU A 333 3.78 -18.17 -0.33
C LEU A 333 4.12 -17.23 0.82
N MET A 334 3.11 -16.52 1.29
CA MET A 334 3.24 -15.63 2.43
C MET A 334 3.81 -16.38 3.62
N THR A 335 3.28 -17.56 3.95
CA THR A 335 3.81 -18.29 5.11
C THR A 335 5.18 -18.95 4.90
N ILE A 336 5.50 -19.32 3.66
CA ILE A 336 6.86 -19.79 3.36
C ILE A 336 7.82 -18.64 3.64
N PHE A 337 7.56 -17.48 3.05
CA PHE A 337 8.37 -16.29 3.25
C PHE A 337 8.45 -15.91 4.75
N GLN A 338 7.32 -15.93 5.42
CA GLN A 338 7.25 -15.59 6.84
C GLN A 338 8.16 -16.48 7.69
N LEU A 339 8.21 -17.77 7.38
CA LEU A 339 9.01 -18.71 8.17
C LEU A 339 10.44 -18.74 7.67
N SER A 340 10.71 -17.98 6.62
CA SER A 340 12.05 -17.93 6.05
C SER A 340 12.96 -17.04 6.88
N SER A 341 14.26 -17.09 6.58
CA SER A 341 15.29 -16.36 7.30
C SER A 341 15.31 -14.90 6.87
N ILE A 342 14.66 -14.65 5.76
CA ILE A 342 14.64 -13.34 5.15
C ILE A 342 13.47 -12.52 5.74
N SER A 343 12.75 -13.14 6.67
CA SER A 343 11.59 -12.56 7.31
C SER A 343 11.95 -11.71 8.52
N PRO A 344 11.17 -10.66 8.78
CA PRO A 344 11.25 -9.83 9.99
C PRO A 344 11.25 -10.63 11.29
N ASN A 345 10.55 -11.76 11.32
CA ASN A 345 10.63 -12.68 12.45
C ASN A 345 12.03 -13.26 12.67
N ALA A 346 12.85 -13.22 11.63
CA ALA A 346 14.16 -13.84 11.71
C ALA A 346 15.20 -12.77 11.94
N THR A 347 15.06 -11.68 11.19
CA THR A 347 16.07 -10.63 11.09
C THR A 347 15.80 -9.49 12.04
N LYS A 348 14.57 -9.44 12.54
CA LYS A 348 14.09 -8.32 13.36
C LYS A 348 14.23 -6.97 12.65
N GLU A 349 14.11 -6.98 11.31
CA GLU A 349 14.34 -5.82 10.46
C GLU A 349 13.22 -5.65 9.41
N PHE A 350 12.80 -4.40 9.17
CA PHE A 350 11.69 -4.15 8.26
C PHE A 350 12.07 -3.50 6.93
N GLY A 351 13.37 -3.25 6.77
CA GLY A 351 13.91 -2.56 5.62
C GLY A 351 13.82 -3.32 4.31
N LEU A 352 14.34 -4.55 4.28
CA LEU A 352 14.26 -5.37 3.06
C LEU A 352 12.81 -5.50 2.58
N VAL A 353 11.97 -6.08 3.43
CA VAL A 353 10.59 -6.32 3.03
C VAL A 353 9.87 -5.04 2.60
N SER A 354 9.98 -3.98 3.41
CA SER A 354 9.30 -2.72 3.09
C SER A 354 9.82 -2.09 1.79
N SER A 355 11.14 -2.10 1.63
CA SER A 355 11.80 -1.60 0.43
C SER A 355 11.39 -2.32 -0.87
N VAL A 356 11.41 -3.66 -0.92
CA VAL A 356 11.08 -4.28 -2.19
C VAL A 356 9.60 -4.07 -2.44
N SER A 357 8.84 -4.14 -1.36
CA SER A 357 7.41 -3.90 -1.44
C SER A 357 7.12 -2.53 -2.09
N VAL A 358 7.83 -1.50 -1.67
CA VAL A 358 7.66 -0.17 -2.26
C VAL A 358 8.13 -0.04 -3.72
N ILE A 359 9.34 -0.53 -4.01
CA ILE A 359 9.91 -0.42 -5.35
C ILE A 359 9.17 -1.24 -6.41
N PHE A 360 8.66 -2.41 -6.03
CA PHE A 360 7.84 -3.22 -6.95
C PHE A 360 6.52 -2.55 -7.28
N THR A 361 6.13 -1.54 -6.49
CA THR A 361 4.89 -0.80 -6.74
C THR A 361 5.16 0.35 -7.70
N LEU A 362 6.38 0.88 -7.66
CA LEU A 362 6.76 2.04 -8.45
C LEU A 362 6.73 1.79 -9.96
N VAL A 363 7.08 0.58 -10.38
CA VAL A 363 7.07 0.34 -11.81
C VAL A 363 5.62 0.36 -12.32
N PRO A 364 4.69 -0.31 -11.61
CA PRO A 364 3.27 -0.19 -11.93
C PRO A 364 2.79 1.24 -11.95
N TYR A 365 3.15 2.03 -10.94
CA TYR A 365 2.84 3.47 -10.95
C TYR A 365 3.26 4.13 -12.25
N LEU A 366 4.56 4.06 -12.53
CA LEU A 366 5.17 4.60 -13.72
C LEU A 366 4.50 4.17 -15.01
N TYR A 367 4.11 2.91 -15.11
CA TYR A 367 3.47 2.47 -16.36
C TYR A 367 2.06 3.01 -16.44
N THR A 368 1.42 3.16 -15.28
CA THR A 368 0.10 3.77 -15.19
C THR A 368 0.11 5.23 -15.68
N CYS A 369 1.13 5.98 -15.29
CA CYS A 369 1.29 7.35 -15.80
C CYS A 369 1.48 7.34 -17.31
N ALA A 370 2.48 6.59 -17.78
CA ALA A 370 2.68 6.43 -19.22
C ALA A 370 1.37 6.05 -19.93
N ALA A 371 0.53 5.30 -19.22
CA ALA A 371 -0.70 4.79 -19.80
C ALA A 371 -1.70 5.90 -19.98
N LEU A 372 -1.85 6.73 -18.96
CA LEU A 372 -2.84 7.80 -18.99
C LEU A 372 -2.65 8.63 -20.26
N LEU A 373 -1.41 8.96 -20.57
CA LEU A 373 -1.10 9.75 -21.75
C LEU A 373 -1.24 8.97 -23.07
N LEU A 374 -0.69 7.77 -23.14
CA LEU A 374 -0.73 7.05 -24.39
C LEU A 374 -2.14 6.56 -24.71
N LEU A 375 -2.98 6.44 -23.70
CA LEU A 375 -4.34 5.94 -23.85
C LEU A 375 -5.38 7.06 -23.89
N GLY A 376 -5.25 7.99 -22.95
CA GLY A 376 -6.23 9.04 -22.77
C GLY A 376 -5.93 10.41 -23.35
N HIS A 377 -4.95 10.52 -24.24
CA HIS A 377 -4.85 11.74 -25.04
C HIS A 377 -6.12 11.73 -25.86
N GLY A 378 -6.58 12.89 -26.29
CA GLY A 378 -7.85 12.95 -26.99
C GLY A 378 -8.98 13.13 -25.99
N HIS A 379 -9.11 12.20 -25.04
CA HIS A 379 -10.05 12.39 -23.94
C HIS A 379 -9.64 13.50 -22.99
N PHE A 380 -8.59 14.25 -23.32
CA PHE A 380 -8.16 15.39 -22.48
C PHE A 380 -8.82 16.69 -22.92
N GLY A 381 -8.78 16.95 -24.22
CA GLY A 381 -9.29 18.18 -24.77
C GLY A 381 -8.64 19.43 -24.19
N LYS A 382 -9.45 20.48 -24.02
CA LYS A 382 -9.00 21.79 -23.56
C LYS A 382 -8.25 21.78 -22.21
N ALA A 383 -8.37 20.68 -21.47
CA ALA A 383 -7.77 20.57 -20.14
C ALA A 383 -6.43 19.82 -20.16
N ARG A 384 -5.75 19.87 -21.30
CA ARG A 384 -4.61 18.99 -21.53
C ARG A 384 -3.39 19.18 -20.62
N PRO A 385 -2.99 20.43 -20.35
CA PRO A 385 -1.70 20.47 -19.63
C PRO A 385 -1.71 21.30 -18.35
N ALA A 386 -1.93 20.72 -17.16
CA ALA A 386 -2.21 19.30 -16.96
C ALA A 386 -3.55 18.98 -17.55
N TYR A 387 -3.86 17.70 -17.76
CA TYR A 387 -3.11 16.53 -17.25
C TYR A 387 -1.58 16.47 -17.39
N LEU A 388 -1.03 16.67 -18.59
CA LEU A 388 0.42 16.64 -18.81
C LEU A 388 1.22 17.03 -17.58
N ALA A 389 0.92 18.21 -17.02
CA ALA A 389 1.62 18.69 -15.84
C ALA A 389 1.48 17.76 -14.65
N VAL A 390 0.23 17.54 -14.26
CA VAL A 390 -0.12 16.65 -13.15
C VAL A 390 0.57 15.29 -13.24
N THR A 391 0.70 14.75 -14.45
CA THR A 391 1.30 13.44 -14.58
C THR A 391 2.83 13.44 -14.72
N THR A 392 3.44 14.52 -15.21
CA THR A 392 4.90 14.51 -15.13
C THR A 392 5.30 14.65 -13.66
N ILE A 393 4.39 15.18 -12.86
CA ILE A 393 4.60 15.16 -11.41
C ILE A 393 4.56 13.72 -10.86
N ALA A 394 3.59 12.92 -11.28
CA ALA A 394 3.57 11.52 -10.84
C ALA A 394 4.86 10.84 -11.27
N PHE A 395 5.28 11.10 -12.50
CA PHE A 395 6.55 10.58 -12.99
C PHE A 395 7.72 10.92 -12.08
N LEU A 396 7.87 12.20 -11.76
CA LEU A 396 8.98 12.67 -10.93
C LEU A 396 8.90 12.11 -9.54
N TYR A 397 7.71 11.86 -9.04
CA TYR A 397 7.62 11.20 -7.75
C TYR A 397 8.10 9.74 -7.80
N CYS A 398 7.71 9.00 -8.84
CA CYS A 398 8.20 7.62 -8.97
C CYS A 398 9.73 7.59 -9.00
N ILE A 399 10.30 8.49 -9.78
CA ILE A 399 11.74 8.61 -9.84
C ILE A 399 12.32 9.01 -8.48
N TRP A 400 11.71 10.00 -7.84
CA TRP A 400 12.09 10.43 -6.51
C TRP A 400 12.15 9.27 -5.54
N ALA A 401 11.14 8.41 -5.57
CA ALA A 401 11.03 7.32 -4.62
C ALA A 401 12.14 6.30 -4.86
N VAL A 402 12.41 5.99 -6.13
CA VAL A 402 13.49 5.05 -6.46
C VAL A 402 14.82 5.58 -5.95
N VAL A 403 15.15 6.79 -6.37
CA VAL A 403 16.36 7.49 -5.95
C VAL A 403 16.52 7.58 -4.42
N GLY A 404 15.41 7.74 -3.70
CA GLY A 404 15.50 7.82 -2.25
C GLY A 404 15.49 6.46 -1.56
N SER A 405 15.29 5.40 -2.34
CA SER A 405 15.33 4.05 -1.78
C SER A 405 16.78 3.53 -1.65
N GLY A 406 16.94 2.32 -1.14
CA GLY A 406 18.27 1.75 -0.98
C GLY A 406 18.83 1.23 -2.29
N ALA A 407 20.16 1.35 -2.47
CA ALA A 407 20.80 0.90 -3.70
C ALA A 407 20.74 -0.61 -3.84
N LYS A 408 21.01 -1.34 -2.75
CA LYS A 408 20.92 -2.80 -2.76
C LYS A 408 19.58 -3.23 -3.28
N GLU A 409 18.54 -2.67 -2.68
CA GLU A 409 17.16 -3.07 -2.99
C GLU A 409 16.68 -2.60 -4.35
N VAL A 410 17.14 -1.43 -4.79
CA VAL A 410 16.86 -1.00 -6.16
C VAL A 410 17.53 -1.97 -7.16
N MET A 411 18.72 -2.43 -6.83
CA MET A 411 19.35 -3.44 -7.64
C MET A 411 18.59 -4.78 -7.63
N TRP A 412 18.13 -5.23 -6.47
CA TRP A 412 17.36 -6.47 -6.42
C TRP A 412 16.09 -6.39 -7.25
N SER A 413 15.46 -5.22 -7.28
CA SER A 413 14.30 -5.02 -8.14
C SER A 413 14.69 -5.01 -9.62
N PHE A 414 15.86 -4.45 -9.94
CA PHE A 414 16.38 -4.41 -11.31
C PHE A 414 16.69 -5.81 -11.81
N VAL A 415 17.29 -6.63 -10.95
CA VAL A 415 17.46 -8.05 -11.25
C VAL A 415 16.11 -8.75 -11.48
N THR A 416 15.17 -8.54 -10.56
CA THR A 416 13.83 -9.11 -10.69
C THR A 416 13.20 -8.80 -12.05
N LEU A 417 13.37 -7.58 -12.53
CA LEU A 417 12.94 -7.23 -13.88
C LEU A 417 13.50 -8.19 -14.93
N MET A 418 14.80 -8.47 -14.83
CA MET A 418 15.45 -9.39 -15.76
C MET A 418 14.92 -10.82 -15.60
N VAL A 419 14.76 -11.27 -14.36
CA VAL A 419 14.21 -12.60 -14.13
C VAL A 419 12.81 -12.69 -14.73
N ILE A 420 11.97 -11.71 -14.46
CA ILE A 420 10.64 -11.64 -15.07
C ILE A 420 10.68 -11.65 -16.60
N THR A 421 11.58 -10.88 -17.20
CA THR A 421 11.71 -10.86 -18.66
C THR A 421 12.01 -12.25 -19.19
N ALA A 422 13.12 -12.83 -18.72
CA ALA A 422 13.58 -14.14 -19.15
C ALA A 422 12.51 -15.18 -18.92
N MET A 423 11.80 -15.05 -17.82
CA MET A 423 10.78 -16.02 -17.46
C MET A 423 9.58 -15.93 -18.40
N TYR A 424 9.21 -14.72 -18.81
CA TYR A 424 8.19 -14.58 -19.84
C TYR A 424 8.67 -15.17 -21.16
N ALA A 425 9.90 -14.87 -21.55
CA ALA A 425 10.45 -15.41 -22.79
C ALA A 425 10.28 -16.92 -22.79
N LEU A 426 10.81 -17.58 -21.77
CA LEU A 426 10.78 -19.05 -21.69
C LEU A 426 9.35 -19.61 -21.61
N ASN A 427 8.50 -18.97 -20.82
CA ASN A 427 7.16 -19.50 -20.55
C ASN A 427 6.09 -19.13 -21.55
N TYR A 428 6.42 -18.30 -22.54
CA TYR A 428 5.40 -17.84 -23.49
C TYR A 428 5.88 -17.85 -24.93
N ASN A 429 7.00 -18.51 -25.20
CA ASN A 429 7.68 -18.36 -26.50
C ASN A 429 6.84 -18.71 -27.74
N ARG A 430 6.27 -19.90 -27.79
CA ARG A 430 5.20 -20.16 -28.76
C ARG A 430 3.98 -19.44 -28.22
N LEU A 431 3.04 -19.06 -29.08
CA LEU A 431 1.80 -18.44 -28.61
C LEU A 431 1.89 -16.96 -28.19
N HIS A 432 3.09 -16.38 -28.30
CA HIS A 432 3.27 -14.98 -27.91
C HIS A 432 2.62 -14.00 -28.89
N LYS A 433 2.88 -14.15 -30.18
CA LYS A 433 2.37 -13.19 -31.18
C LYS A 433 3.11 -11.84 -31.12
N ASN A 434 4.23 -11.76 -31.85
CA ASN A 434 5.05 -10.56 -31.94
C ASN A 434 4.37 -9.45 -32.73
N PRO A 435 4.55 -8.18 -32.32
CA PRO A 435 4.08 -7.01 -33.08
C PRO A 435 4.62 -6.88 -34.54
N TYR A 436 5.76 -7.49 -34.85
CA TYR A 436 6.34 -7.43 -36.20
C TYR A 436 7.08 -8.73 -36.52
N PRO A 437 6.32 -9.78 -36.85
CA PRO A 437 6.86 -11.15 -36.91
C PRO A 437 7.78 -11.41 -38.10
N LEU A 438 8.41 -12.58 -38.09
CA LEU A 438 9.24 -13.01 -39.20
C LEU A 438 8.40 -13.69 -40.28
N ASP A 439 9.00 -14.65 -41.00
CA ASP A 439 8.29 -15.37 -42.05
C ASP A 439 8.62 -16.87 -42.01
N ALA A 440 8.81 -17.44 -43.20
CA ALA A 440 9.23 -18.84 -43.37
C ALA A 440 8.79 -19.75 -42.21
#